data_8WL9
#
_entry.id   8WL9
#
_cell.length_a   66.850
_cell.length_b   110.680
_cell.length_c   37.260
_cell.angle_alpha   90.00
_cell.angle_beta   90.00
_cell.angle_gamma   90.00
#
_symmetry.space_group_name_H-M   'P 21 21 2'
#
loop_
_entity.id
_entity.type
_entity.pdbx_description
1 polymer 'Allose ABC transporter'
2 non-polymer beta-D-ribopyranose
3 water water
#
_entity_poly.entity_id   1
_entity_poly.type   'polypeptide(L)'
_entity_poly.pdbx_seq_one_letter_code
;MGSSHHHHHHSSGLVPRGSHMAAEYAVVLKTLSNPFWVDMKKGIEDEAKTLGVSVDIFASPSEGDFQSQLQLFEDLSNKK
YKGIAFAPLSSVNLVMPVARAWQKGLYLVNLDEKIDMDNLKKAGGNVEGFVTTDNVAVGAKGADFIINKLGAEGGEVAII
EGKAGNASGEARRNGATEAFKKANQIKLVASQPADWDRIKALDVATNVLQRNPNLKAFYCANDTMAMGVAQAVANAGKIG
KVLVVGTDGIPEARKMVEAGQMTATVAQNPADIGATGLKLMVDAAKTGKVIPLEKTPEFKLVDSILVTK
;
_entity_poly.pdbx_strand_id   A
#
# COMPACT_ATOMS: atom_id res chain seq x y z
N ALA A 22 -3.72 -28.68 2.49
CA ALA A 22 -3.86 -27.61 1.45
C ALA A 22 -5.23 -26.93 1.57
N ALA A 23 -5.24 -25.68 2.06
CA ALA A 23 -6.47 -24.93 2.47
C ALA A 23 -7.42 -24.78 1.27
N GLU A 24 -8.60 -24.23 1.51
CA GLU A 24 -9.62 -23.93 0.47
C GLU A 24 -9.15 -22.74 -0.38
N TYR A 25 -8.43 -21.80 0.27
CA TYR A 25 -8.02 -20.52 -0.32
C TYR A 25 -6.53 -20.27 -0.10
N ALA A 26 -5.92 -19.51 -1.01
CA ALA A 26 -4.52 -19.03 -0.96
C ALA A 26 -4.50 -17.51 -1.07
N VAL A 27 -3.56 -16.87 -0.36
CA VAL A 27 -3.26 -15.42 -0.46
C VAL A 27 -1.76 -15.26 -0.75
N VAL A 28 -1.43 -14.38 -1.71
CA VAL A 28 -0.02 -13.97 -1.96
C VAL A 28 0.13 -12.52 -1.51
N LEU A 29 0.92 -12.30 -0.46
CA LEU A 29 1.24 -10.93 0.04
C LEU A 29 2.72 -10.63 -0.21
N LYS A 30 3.13 -9.41 0.12
CA LYS A 30 4.54 -8.94 -0.05
C LYS A 30 5.26 -9.07 1.29
N THR A 31 6.53 -8.66 1.32
CA THR A 31 7.48 -8.92 2.43
C THR A 31 6.81 -8.64 3.78
N LEU A 32 6.92 -9.58 4.71
CA LEU A 32 6.47 -9.42 6.11
C LEU A 32 7.44 -8.47 6.85
N SER A 33 8.54 -8.06 6.21
CA SER A 33 9.43 -6.98 6.73
C SER A 33 8.65 -5.66 6.77
N ASN A 34 7.57 -5.57 6.00
CA ASN A 34 6.62 -4.43 6.08
C ASN A 34 5.43 -4.86 6.92
N PRO A 35 5.33 -4.37 8.18
CA PRO A 35 4.24 -4.73 9.10
C PRO A 35 2.83 -4.53 8.52
N PHE A 36 2.73 -3.72 7.47
CA PHE A 36 1.49 -3.56 6.67
C PHE A 36 1.02 -4.94 6.23
N TRP A 37 1.91 -5.74 5.63
CA TRP A 37 1.58 -7.08 5.08
C TRP A 37 1.35 -8.04 6.24
N VAL A 38 2.06 -7.87 7.35
CA VAL A 38 1.91 -8.71 8.57
C VAL A 38 0.48 -8.52 9.10
N ASP A 39 -0.01 -7.28 9.10
CA ASP A 39 -1.34 -6.92 9.68
C ASP A 39 -2.42 -7.40 8.71
N MET A 40 -2.14 -7.41 7.40
CA MET A 40 -3.13 -7.88 6.38
C MET A 40 -3.25 -9.40 6.50
N LYS A 41 -2.11 -10.08 6.72
CA LYS A 41 -2.05 -11.53 7.00
C LYS A 41 -2.96 -11.85 8.19
N LYS A 42 -2.77 -11.15 9.31
CA LYS A 42 -3.52 -11.41 10.56
C LYS A 42 -5.01 -11.22 10.28
N GLY A 43 -5.36 -10.07 9.70
CA GLY A 43 -6.75 -9.77 9.33
C GLY A 43 -7.39 -10.92 8.58
N ILE A 44 -6.66 -11.50 7.62
CA ILE A 44 -7.16 -12.60 6.76
C ILE A 44 -7.39 -13.84 7.63
N GLU A 45 -6.43 -14.20 8.49
CA GLU A 45 -6.52 -15.40 9.37
C GLU A 45 -7.76 -15.26 10.26
N ASP A 46 -8.01 -14.05 10.76
CA ASP A 46 -9.08 -13.80 11.77
C ASP A 46 -10.45 -13.85 11.07
N GLU A 47 -10.55 -13.33 9.84
CA GLU A 47 -11.78 -13.42 9.02
C GLU A 47 -12.07 -14.90 8.72
N ALA A 48 -11.06 -15.65 8.25
CA ALA A 48 -11.13 -17.11 7.99
C ALA A 48 -11.74 -17.84 9.21
N LYS A 49 -11.39 -17.42 10.41
CA LYS A 49 -11.90 -18.02 11.67
C LYS A 49 -13.39 -17.67 11.84
N THR A 50 -13.84 -16.51 11.37
CA THR A 50 -15.28 -16.14 11.46
C THR A 50 -16.06 -16.93 10.42
N LEU A 51 -15.52 -17.02 9.19
CA LEU A 51 -16.21 -17.66 8.03
C LEU A 51 -16.14 -19.19 8.16
N GLY A 52 -15.18 -19.70 8.94
CA GLY A 52 -14.90 -21.15 9.08
C GLY A 52 -14.32 -21.73 7.81
N VAL A 53 -13.36 -21.04 7.18
CA VAL A 53 -12.65 -21.52 5.97
C VAL A 53 -11.16 -21.60 6.29
N SER A 54 -10.43 -22.44 5.55
CA SER A 54 -8.97 -22.60 5.65
C SER A 54 -8.28 -21.68 4.64
N VAL A 55 -7.20 -21.02 5.04
CA VAL A 55 -6.36 -20.17 4.15
C VAL A 55 -4.89 -20.53 4.32
N ASP A 56 -4.16 -20.60 3.21
CA ASP A 56 -2.68 -20.62 3.15
C ASP A 56 -2.21 -19.25 2.68
N ILE A 57 -1.33 -18.60 3.46
CA ILE A 57 -0.84 -17.22 3.16
C ILE A 57 0.67 -17.28 2.90
N PHE A 58 1.08 -16.79 1.72
CA PHE A 58 2.50 -16.70 1.29
C PHE A 58 2.88 -15.23 1.13
N ALA A 59 4.09 -14.86 1.54
CA ALA A 59 4.69 -13.53 1.39
C ALA A 59 5.92 -13.64 0.50
N SER A 60 5.95 -12.86 -0.57
CA SER A 60 7.15 -12.66 -1.43
C SER A 60 8.27 -12.02 -0.61
N PRO A 61 9.50 -12.54 -0.70
CA PRO A 61 10.66 -11.89 -0.11
C PRO A 61 10.74 -10.44 -0.59
N SER A 62 11.31 -9.55 0.21
CA SER A 62 11.47 -8.10 -0.11
C SER A 62 12.32 -7.93 -1.38
N GLU A 63 13.19 -8.89 -1.71
CA GLU A 63 14.12 -8.79 -2.87
C GLU A 63 13.63 -9.69 -4.02
N GLY A 64 12.53 -10.42 -3.83
CA GLY A 64 11.94 -11.29 -4.87
C GLY A 64 11.52 -10.50 -6.10
N ASP A 65 11.90 -10.96 -7.30
CA ASP A 65 11.62 -10.21 -8.56
C ASP A 65 10.26 -10.65 -9.13
N PHE A 66 9.77 -9.91 -10.13
CA PHE A 66 8.43 -10.08 -10.75
C PHE A 66 8.25 -11.55 -11.14
N GLN A 67 9.27 -12.12 -11.79
CA GLN A 67 9.24 -13.50 -12.32
C GLN A 67 8.91 -14.47 -11.17
N SER A 68 9.50 -14.26 -10.00
CA SER A 68 9.46 -15.21 -8.87
C SER A 68 8.07 -15.20 -8.21
N GLN A 69 7.40 -14.04 -8.15
CA GLN A 69 5.98 -14.01 -7.70
C GLN A 69 5.09 -14.70 -8.75
N LEU A 70 5.36 -14.50 -10.04
CA LEU A 70 4.57 -15.13 -11.15
C LEU A 70 4.64 -16.65 -10.98
N GLN A 71 5.79 -17.19 -10.60
CA GLN A 71 6.03 -18.65 -10.51
C GLN A 71 5.25 -19.22 -9.31
N LEU A 72 5.30 -18.52 -8.17
CA LEU A 72 4.51 -18.87 -6.96
C LEU A 72 3.02 -18.96 -7.33
N PHE A 73 2.49 -17.93 -7.96
CA PHE A 73 1.05 -17.85 -8.33
C PHE A 73 0.70 -19.02 -9.25
N GLU A 74 1.52 -19.28 -10.28
CA GLU A 74 1.34 -20.42 -11.22
C GLU A 74 1.25 -21.70 -10.39
N ASP A 75 2.17 -21.85 -9.44
CA ASP A 75 2.33 -23.10 -8.64
C ASP A 75 1.08 -23.28 -7.76
N LEU A 76 0.65 -22.22 -7.06
CA LEU A 76 -0.60 -22.21 -6.25
C LEU A 76 -1.79 -22.55 -7.14
N SER A 77 -1.79 -21.97 -8.35
CA SER A 77 -2.85 -22.14 -9.37
C SER A 77 -3.00 -23.62 -9.72
N ASN A 78 -1.94 -24.42 -9.57
CA ASN A 78 -1.93 -25.83 -10.05
C ASN A 78 -2.50 -26.73 -8.96
N LYS A 79 -2.55 -26.26 -7.71
CA LYS A 79 -3.09 -27.01 -6.56
C LYS A 79 -4.62 -26.89 -6.59
N LYS A 80 -5.28 -27.36 -5.53
CA LYS A 80 -6.76 -27.53 -5.48
C LYS A 80 -7.38 -26.35 -4.72
N TYR A 81 -6.76 -25.18 -4.74
CA TYR A 81 -7.33 -23.94 -4.16
C TYR A 81 -8.62 -23.58 -4.90
N LYS A 82 -9.62 -23.09 -4.17
CA LYS A 82 -10.91 -22.59 -4.70
C LYS A 82 -10.72 -21.17 -5.22
N GLY A 83 -9.99 -20.35 -4.45
CA GLY A 83 -9.72 -18.95 -4.78
C GLY A 83 -8.33 -18.54 -4.34
N ILE A 84 -7.77 -17.52 -5.00
CA ILE A 84 -6.47 -16.89 -4.69
C ILE A 84 -6.71 -15.38 -4.58
N ALA A 85 -6.30 -14.75 -3.48
CA ALA A 85 -6.23 -13.28 -3.36
C ALA A 85 -4.76 -12.87 -3.44
N PHE A 86 -4.46 -11.72 -4.02
CA PHE A 86 -3.06 -11.35 -4.35
C PHE A 86 -2.88 -9.84 -4.27
N ALA A 87 -1.74 -9.44 -3.70
CA ALA A 87 -1.10 -8.10 -3.87
C ALA A 87 0.08 -8.25 -4.82
N PRO A 88 -0.05 -7.75 -6.06
CA PRO A 88 0.96 -7.97 -7.09
C PRO A 88 2.20 -7.08 -6.90
N LEU A 89 3.38 -7.62 -7.20
CA LEU A 89 4.66 -6.87 -7.20
C LEU A 89 4.56 -5.68 -8.17
N SER A 90 3.86 -5.84 -9.30
CA SER A 90 3.69 -4.77 -10.32
C SER A 90 2.32 -4.93 -11.00
N SER A 91 1.89 -3.89 -11.72
CA SER A 91 0.53 -3.86 -12.34
C SER A 91 0.42 -5.01 -13.34
N VAL A 92 1.56 -5.47 -13.88
CA VAL A 92 1.57 -6.40 -15.06
C VAL A 92 2.02 -7.81 -14.64
N ASN A 93 2.80 -7.95 -13.57
CA ASN A 93 3.62 -9.17 -13.40
C ASN A 93 2.71 -10.41 -13.28
N LEU A 94 1.49 -10.28 -12.74
CA LEU A 94 0.62 -11.46 -12.46
C LEU A 94 -0.52 -11.57 -13.50
N VAL A 95 -0.51 -10.74 -14.53
CA VAL A 95 -1.55 -10.75 -15.60
C VAL A 95 -1.74 -12.19 -16.10
N MET A 96 -0.69 -12.82 -16.63
CA MET A 96 -0.81 -14.13 -17.32
C MET A 96 -1.23 -15.22 -16.34
N PRO A 97 -0.65 -15.28 -15.12
CA PRO A 97 -1.04 -16.31 -14.16
C PRO A 97 -2.46 -16.11 -13.58
N VAL A 98 -2.86 -14.85 -13.37
CA VAL A 98 -4.23 -14.52 -12.89
C VAL A 98 -5.24 -14.92 -13.98
N ALA A 99 -4.96 -14.60 -15.25
CA ALA A 99 -5.81 -14.96 -16.41
C ALA A 99 -5.95 -16.49 -16.49
N ARG A 100 -4.90 -17.23 -16.16
CA ARG A 100 -4.88 -18.71 -16.29
C ARG A 100 -5.66 -19.34 -15.13
N ALA A 101 -5.61 -18.73 -13.95
CA ALA A 101 -6.38 -19.16 -12.76
C ALA A 101 -7.87 -18.93 -13.02
N TRP A 102 -8.22 -17.75 -13.54
CA TRP A 102 -9.62 -17.41 -13.90
C TRP A 102 -10.14 -18.43 -14.94
N GLN A 103 -9.34 -18.72 -15.97
CA GLN A 103 -9.66 -19.71 -17.04
C GLN A 103 -9.98 -21.07 -16.40
N LYS A 104 -9.28 -21.42 -15.31
CA LYS A 104 -9.46 -22.70 -14.57
C LYS A 104 -10.67 -22.61 -13.64
N GLY A 105 -11.21 -21.42 -13.41
CA GLY A 105 -12.45 -21.22 -12.64
C GLY A 105 -12.16 -20.96 -11.16
N LEU A 106 -10.98 -20.43 -10.84
CA LEU A 106 -10.62 -19.96 -9.48
C LEU A 106 -11.20 -18.57 -9.24
N TYR A 107 -11.65 -18.30 -8.01
CA TYR A 107 -12.25 -17.02 -7.59
C TYR A 107 -11.13 -16.12 -7.08
N LEU A 108 -10.86 -15.05 -7.82
CA LEU A 108 -9.61 -14.26 -7.73
C LEU A 108 -9.96 -12.88 -7.17
N VAL A 109 -9.19 -12.40 -6.21
CA VAL A 109 -9.41 -11.06 -5.60
C VAL A 109 -8.08 -10.31 -5.59
N ASN A 110 -8.13 -9.06 -6.05
CA ASN A 110 -6.98 -8.15 -6.23
C ASN A 110 -6.96 -7.22 -5.01
N LEU A 111 -5.89 -7.32 -4.21
CA LEU A 111 -5.68 -6.55 -2.95
C LEU A 111 -4.71 -5.39 -3.20
N ASP A 112 -5.08 -4.19 -2.73
CA ASP A 112 -4.17 -3.05 -2.48
C ASP A 112 -3.83 -2.34 -3.79
N GLU A 113 -3.10 -3.03 -4.67
CA GLU A 113 -2.47 -2.44 -5.88
C GLU A 113 -3.17 -3.03 -7.11
N LYS A 114 -3.82 -2.19 -7.92
CA LYS A 114 -4.68 -2.66 -9.04
C LYS A 114 -3.82 -3.34 -10.11
N ILE A 115 -4.16 -4.58 -10.45
CA ILE A 115 -3.60 -5.29 -11.64
C ILE A 115 -3.99 -4.50 -12.89
N ASP A 116 -3.16 -4.53 -13.94
CA ASP A 116 -3.44 -3.89 -15.25
C ASP A 116 -4.62 -4.60 -15.92
N MET A 117 -5.78 -3.96 -15.95
CA MET A 117 -7.05 -4.62 -16.34
C MET A 117 -7.17 -4.67 -17.87
N ASP A 118 -6.49 -3.78 -18.60
CA ASP A 118 -6.40 -3.82 -20.08
C ASP A 118 -5.63 -5.09 -20.48
N ASN A 119 -4.43 -5.27 -19.94
CA ASN A 119 -3.60 -6.47 -20.20
C ASN A 119 -4.31 -7.74 -19.69
N LEU A 120 -5.06 -7.67 -18.59
CA LEU A 120 -5.80 -8.85 -18.05
C LEU A 120 -6.89 -9.25 -19.06
N LYS A 121 -7.61 -8.26 -19.60
CA LYS A 121 -8.64 -8.47 -20.64
C LYS A 121 -8.00 -9.17 -21.85
N LYS A 122 -6.92 -8.62 -22.38
CA LYS A 122 -6.19 -9.18 -23.56
C LYS A 122 -5.81 -10.63 -23.26
N ALA A 123 -5.44 -10.94 -22.03
CA ALA A 123 -5.01 -12.29 -21.59
C ALA A 123 -6.22 -13.21 -21.37
N GLY A 124 -7.44 -12.70 -21.53
CA GLY A 124 -8.67 -13.49 -21.37
C GLY A 124 -8.87 -13.92 -19.93
N GLY A 125 -8.64 -13.01 -18.99
CA GLY A 125 -8.86 -13.24 -17.56
C GLY A 125 -9.68 -12.13 -16.95
N ASN A 126 -10.23 -12.38 -15.76
CA ASN A 126 -10.83 -11.34 -14.89
C ASN A 126 -10.51 -11.63 -13.43
N VAL A 127 -10.88 -10.70 -12.55
CA VAL A 127 -10.97 -10.95 -11.09
C VAL A 127 -12.37 -10.55 -10.59
N GLU A 128 -12.80 -11.22 -9.53
CA GLU A 128 -14.11 -11.02 -8.85
C GLU A 128 -14.18 -9.57 -8.33
N GLY A 129 -13.07 -9.08 -7.78
CA GLY A 129 -13.07 -7.92 -6.88
C GLY A 129 -11.70 -7.32 -6.66
N PHE A 130 -11.68 -6.02 -6.37
CA PHE A 130 -10.50 -5.20 -6.03
C PHE A 130 -10.80 -4.44 -4.74
N VAL A 131 -9.97 -4.68 -3.71
CA VAL A 131 -10.09 -4.07 -2.35
C VAL A 131 -8.87 -3.18 -2.13
N THR A 132 -9.10 -1.89 -1.88
CA THR A 132 -8.03 -0.88 -1.82
C THR A 132 -8.54 0.32 -0.99
N THR A 133 -7.68 1.31 -0.85
CA THR A 133 -7.92 2.57 -0.11
C THR A 133 -8.02 3.67 -1.18
N ASP A 134 -8.82 4.71 -0.92
CA ASP A 134 -8.79 5.96 -1.74
C ASP A 134 -7.45 6.66 -1.46
N ASN A 135 -6.47 6.40 -2.33
CA ASN A 135 -5.05 6.72 -2.08
C ASN A 135 -4.76 8.19 -2.47
N VAL A 136 -5.55 8.75 -3.39
CA VAL A 136 -5.54 10.22 -3.67
C VAL A 136 -5.93 10.95 -2.38
N ALA A 137 -6.98 10.47 -1.70
CA ALA A 137 -7.54 11.03 -0.45
C ALA A 137 -6.48 10.90 0.67
N VAL A 138 -5.77 9.79 0.71
CA VAL A 138 -4.65 9.58 1.66
C VAL A 138 -3.67 10.74 1.50
N GLY A 139 -3.09 10.89 0.30
CA GLY A 139 -2.07 11.91 0.02
C GLY A 139 -2.58 13.30 0.33
N ALA A 140 -3.82 13.60 -0.06
CA ALA A 140 -4.48 14.89 0.23
C ALA A 140 -4.55 15.12 1.74
N LYS A 141 -4.96 14.09 2.48
CA LYS A 141 -5.15 14.20 3.95
C LYS A 141 -3.82 14.54 4.60
N GLY A 142 -2.75 13.86 4.20
CA GLY A 142 -1.40 14.07 4.75
C GLY A 142 -0.88 15.47 4.45
N ALA A 143 -1.06 15.91 3.21
CA ALA A 143 -0.62 17.24 2.73
C ALA A 143 -1.43 18.33 3.46
N ASP A 144 -2.75 18.14 3.54
CA ASP A 144 -3.70 19.09 4.19
C ASP A 144 -3.33 19.22 5.67
N PHE A 145 -3.02 18.12 6.35
CA PHE A 145 -2.58 18.14 7.77
C PHE A 145 -1.33 19.02 7.89
N ILE A 146 -0.39 18.86 6.94
CA ILE A 146 0.93 19.54 6.96
C ILE A 146 0.68 21.04 6.69
N ILE A 147 -0.17 21.35 5.71
CA ILE A 147 -0.51 22.75 5.32
C ILE A 147 -1.17 23.46 6.51
N ASN A 148 -2.10 22.79 7.19
CA ASN A 148 -2.83 23.39 8.35
C ASN A 148 -1.84 23.58 9.50
N LYS A 149 -0.88 22.66 9.66
CA LYS A 149 0.12 22.69 10.77
C LYS A 149 1.12 23.84 10.53
N LEU A 150 1.61 24.01 9.31
CA LEU A 150 2.66 25.03 8.99
C LEU A 150 2.04 26.43 8.99
N GLY A 151 0.70 26.51 8.94
CA GLY A 151 -0.08 27.76 9.05
C GLY A 151 0.38 28.82 8.06
N ALA A 152 0.10 30.10 8.36
CA ALA A 152 0.15 31.21 7.39
C ALA A 152 1.50 31.21 6.65
N GLU A 153 2.60 30.94 7.36
CA GLU A 153 3.98 31.11 6.84
C GLU A 153 4.37 29.90 5.97
N GLY A 154 3.66 28.77 6.12
CA GLY A 154 3.92 27.54 5.34
C GLY A 154 5.41 27.22 5.27
N GLY A 155 5.94 27.05 4.07
CA GLY A 155 7.38 26.79 3.83
C GLY A 155 7.62 25.63 2.90
N GLU A 156 8.87 25.20 2.77
CA GLU A 156 9.33 24.15 1.83
C GLU A 156 8.91 22.77 2.35
N VAL A 157 8.40 21.92 1.46
CA VAL A 157 8.00 20.52 1.79
C VAL A 157 8.55 19.58 0.72
N ALA A 158 8.64 18.30 1.07
CA ALA A 158 9.20 17.24 0.22
C ALA A 158 8.33 16.00 0.40
N ILE A 159 8.31 15.15 -0.63
CA ILE A 159 7.55 13.88 -0.65
C ILE A 159 8.56 12.76 -0.83
N ILE A 160 8.45 11.73 -0.01
CA ILE A 160 9.23 10.47 -0.18
C ILE A 160 8.29 9.44 -0.77
N GLU A 161 8.49 9.15 -2.07
CA GLU A 161 7.56 8.38 -2.91
C GLU A 161 7.78 6.89 -2.67
N GLY A 162 6.76 6.08 -2.97
CA GLY A 162 6.87 4.62 -3.12
C GLY A 162 7.70 4.25 -4.34
N LYS A 163 7.79 2.96 -4.62
CA LYS A 163 8.38 2.38 -5.85
C LYS A 163 7.64 2.94 -7.08
N ALA A 164 8.39 3.33 -8.12
CA ALA A 164 7.87 3.70 -9.46
C ALA A 164 6.87 2.64 -9.97
N GLY A 165 5.72 3.09 -10.48
CA GLY A 165 4.70 2.25 -11.13
C GLY A 165 3.76 1.58 -10.14
N ASN A 166 3.91 1.82 -8.83
CA ASN A 166 2.91 1.39 -7.82
C ASN A 166 1.78 2.43 -7.83
N ALA A 167 0.62 2.02 -8.33
CA ALA A 167 -0.55 2.91 -8.56
C ALA A 167 -0.95 3.57 -7.22
N SER A 168 -0.89 2.81 -6.13
CA SER A 168 -1.37 3.25 -4.80
C SER A 168 -0.44 4.34 -4.26
N GLY A 169 0.87 4.17 -4.44
CA GLY A 169 1.87 5.20 -4.12
C GLY A 169 1.69 6.43 -4.99
N GLU A 170 1.51 6.23 -6.28
CA GLU A 170 1.35 7.34 -7.26
C GLU A 170 0.15 8.20 -6.84
N ALA A 171 -0.95 7.57 -6.46
CA ALA A 171 -2.20 8.23 -6.00
C ALA A 171 -1.86 9.15 -4.81
N ARG A 172 -1.06 8.66 -3.87
CA ARG A 172 -0.69 9.45 -2.65
C ARG A 172 0.18 10.64 -3.09
N ARG A 173 1.11 10.38 -4.01
CA ARG A 173 2.01 11.42 -4.57
C ARG A 173 1.18 12.53 -5.21
N ASN A 174 0.21 12.17 -6.06
CA ASN A 174 -0.62 13.14 -6.82
C ASN A 174 -1.51 13.90 -5.84
N GLY A 175 -2.14 13.18 -4.90
CA GLY A 175 -3.02 13.76 -3.87
C GLY A 175 -2.30 14.81 -3.04
N ALA A 176 -1.13 14.46 -2.51
CA ALA A 176 -0.26 15.37 -1.73
C ALA A 176 0.21 16.52 -2.63
N THR A 177 0.77 16.21 -3.81
CA THR A 177 1.43 17.22 -4.67
C THR A 177 0.42 18.33 -5.02
N GLU A 178 -0.81 17.93 -5.37
CA GLU A 178 -1.88 18.86 -5.81
C GLU A 178 -2.25 19.79 -4.65
N ALA A 179 -2.45 19.22 -3.45
CA ALA A 179 -2.72 19.94 -2.20
C ALA A 179 -1.64 21.01 -1.98
N PHE A 180 -0.37 20.62 -2.08
CA PHE A 180 0.80 21.52 -1.91
C PHE A 180 0.78 22.61 -2.99
N LYS A 181 0.52 22.23 -4.25
CA LYS A 181 0.46 23.18 -5.39
C LYS A 181 -0.53 24.32 -5.06
N LYS A 182 -1.73 23.97 -4.59
CA LYS A 182 -2.88 24.90 -4.44
C LYS A 182 -2.64 25.85 -3.25
N ALA A 183 -1.75 25.51 -2.33
CA ALA A 183 -1.38 26.36 -1.17
C ALA A 183 -0.20 27.26 -1.56
N ASN A 184 -0.46 28.57 -1.65
CA ASN A 184 0.46 29.58 -2.21
C ASN A 184 1.72 29.65 -1.33
N GLN A 185 1.56 29.39 -0.03
CA GLN A 185 2.60 29.55 1.02
C GLN A 185 3.49 28.29 1.11
N ILE A 186 3.14 27.23 0.39
CA ILE A 186 3.90 25.94 0.41
C ILE A 186 4.66 25.81 -0.92
N LYS A 187 5.95 25.53 -0.85
CA LYS A 187 6.79 25.16 -2.02
C LYS A 187 7.28 23.73 -1.87
N LEU A 188 6.85 22.82 -2.74
CA LEU A 188 7.37 21.44 -2.86
C LEU A 188 8.75 21.49 -3.52
N VAL A 189 9.80 21.21 -2.76
CA VAL A 189 11.22 21.44 -3.18
C VAL A 189 11.82 20.12 -3.70
N ALA A 190 11.20 18.98 -3.37
CA ALA A 190 11.78 17.66 -3.72
C ALA A 190 10.73 16.57 -3.58
N SER A 191 10.77 15.61 -4.49
CA SER A 191 9.81 14.48 -4.58
C SER A 191 10.55 13.31 -5.20
N GLN A 192 10.95 12.34 -4.38
CA GLN A 192 11.89 11.27 -4.81
C GLN A 192 11.46 9.94 -4.20
N PRO A 193 11.58 8.84 -4.96
CA PRO A 193 11.22 7.51 -4.46
C PRO A 193 12.26 6.92 -3.49
N ALA A 194 11.79 6.19 -2.48
CA ALA A 194 12.61 5.37 -1.58
C ALA A 194 12.04 3.95 -1.50
N ASP A 195 11.16 3.58 -2.44
CA ASP A 195 10.87 2.17 -2.81
C ASP A 195 10.45 1.38 -1.58
N TRP A 196 9.67 1.99 -0.69
CA TRP A 196 9.00 1.31 0.43
C TRP A 196 10.04 0.75 1.41
N ASP A 197 11.29 1.22 1.31
CA ASP A 197 12.46 0.67 2.05
C ASP A 197 12.95 1.69 3.10
N ARG A 198 12.98 1.29 4.37
CA ARG A 198 13.35 2.15 5.53
C ARG A 198 14.74 2.75 5.31
N ILE A 199 15.70 1.93 4.90
CA ILE A 199 17.14 2.32 4.79
C ILE A 199 17.31 3.31 3.62
N LYS A 200 16.66 3.04 2.49
CA LYS A 200 16.69 3.94 1.32
C LYS A 200 16.05 5.28 1.70
N ALA A 201 14.93 5.25 2.44
CA ALA A 201 14.22 6.47 2.94
C ALA A 201 15.15 7.32 3.79
N LEU A 202 15.86 6.68 4.73
CA LEU A 202 16.94 7.32 5.53
C LEU A 202 17.93 8.05 4.60
N ASP A 203 18.50 7.34 3.62
CA ASP A 203 19.58 7.88 2.75
C ASP A 203 19.04 9.07 1.95
N VAL A 204 17.84 8.90 1.37
CA VAL A 204 17.20 9.95 0.52
C VAL A 204 16.87 11.18 1.38
N ALA A 205 16.25 10.97 2.56
CA ALA A 205 15.83 12.07 3.45
C ALA A 205 17.06 12.82 3.96
N THR A 206 18.16 12.10 4.23
CA THR A 206 19.48 12.66 4.64
C THR A 206 19.92 13.71 3.62
N ASN A 207 19.86 13.35 2.33
CA ASN A 207 20.36 14.18 1.21
C ASN A 207 19.42 15.39 1.00
N VAL A 208 18.11 15.18 1.09
CA VAL A 208 17.08 16.25 0.92
C VAL A 208 17.34 17.37 1.94
N LEU A 209 17.50 16.98 3.21
CA LEU A 209 17.78 17.89 4.35
C LEU A 209 19.05 18.70 4.07
N GLN A 210 20.08 18.00 3.58
CA GLN A 210 21.41 18.61 3.25
C GLN A 210 21.22 19.72 2.22
N ARG A 211 20.33 19.49 1.25
CA ARG A 211 20.14 20.40 0.09
C ARG A 211 19.15 21.51 0.45
N ASN A 212 18.29 21.26 1.46
CA ASN A 212 17.20 22.20 1.85
C ASN A 212 17.27 22.46 3.36
N PRO A 213 18.15 23.38 3.79
CA PRO A 213 18.28 23.71 5.21
C PRO A 213 17.00 24.31 5.82
N ASN A 214 16.10 24.85 4.98
CA ASN A 214 14.84 25.49 5.43
C ASN A 214 13.66 24.52 5.27
N LEU A 215 13.93 23.24 4.98
CA LEU A 215 12.85 22.23 4.86
C LEU A 215 11.98 22.27 6.12
N LYS A 216 10.67 22.16 5.97
CA LYS A 216 9.69 22.29 7.09
C LYS A 216 9.02 20.93 7.38
N ALA A 217 8.87 20.07 6.37
CA ALA A 217 8.05 18.83 6.49
C ALA A 217 8.40 17.84 5.37
N PHE A 218 8.31 16.55 5.70
CA PHE A 218 8.19 15.41 4.75
C PHE A 218 6.77 14.82 4.82
N TYR A 219 6.17 14.53 3.66
CA TYR A 219 5.13 13.49 3.48
C TYR A 219 5.78 12.27 2.81
N CYS A 220 5.50 11.11 3.39
CA CYS A 220 6.07 9.80 2.99
C CYS A 220 4.93 8.84 2.64
N ALA A 221 5.05 8.14 1.51
CA ALA A 221 3.95 7.35 0.91
C ALA A 221 3.68 6.10 1.75
N ASN A 222 4.59 5.72 2.66
CA ASN A 222 4.27 4.66 3.66
C ASN A 222 5.14 4.85 4.91
N ASP A 223 5.00 3.92 5.86
CA ASP A 223 5.51 4.07 7.25
C ASP A 223 6.93 3.51 7.36
N THR A 224 7.29 2.47 6.61
CA THR A 224 8.69 1.96 6.61
C THR A 224 9.62 3.08 6.13
N MET A 225 9.17 3.89 5.19
CA MET A 225 9.97 5.03 4.66
C MET A 225 9.90 6.19 5.67
N ALA A 226 8.72 6.44 6.23
CA ALA A 226 8.48 7.49 7.25
C ALA A 226 9.45 7.27 8.42
N MET A 227 9.65 6.03 8.84
CA MET A 227 10.51 5.68 10.00
C MET A 227 11.98 5.93 9.66
N GLY A 228 12.45 5.57 8.46
CA GLY A 228 13.76 6.00 7.93
C GLY A 228 13.92 7.52 7.92
N VAL A 229 12.90 8.23 7.45
CA VAL A 229 12.91 9.73 7.34
C VAL A 229 13.03 10.31 8.76
N ALA A 230 12.32 9.75 9.74
CA ALA A 230 12.34 10.24 11.15
C ALA A 230 13.75 10.10 11.71
N GLN A 231 14.44 9.02 11.33
CA GLN A 231 15.85 8.76 11.71
C GLN A 231 16.76 9.81 11.09
N ALA A 232 16.56 10.15 9.81
CA ALA A 232 17.34 11.19 9.09
C ALA A 232 17.16 12.55 9.80
N VAL A 233 15.93 12.86 10.21
CA VAL A 233 15.59 14.12 10.93
C VAL A 233 16.28 14.10 12.31
N ALA A 234 16.30 12.95 12.97
CA ALA A 234 16.96 12.77 14.28
C ALA A 234 18.48 12.96 14.10
N ASN A 235 19.03 12.42 13.02
CA ASN A 235 20.48 12.48 12.70
C ASN A 235 20.91 13.95 12.56
N ALA A 236 20.06 14.78 11.96
CA ALA A 236 20.34 16.20 11.65
C ALA A 236 20.02 17.05 12.88
N GLY A 237 19.55 16.41 13.94
CA GLY A 237 19.16 17.05 15.21
C GLY A 237 17.97 17.98 15.03
N LYS A 238 16.99 17.55 14.24
CA LYS A 238 15.90 18.44 13.74
C LYS A 238 14.54 17.81 14.04
N ILE A 239 14.48 16.89 15.01
CA ILE A 239 13.19 16.34 15.53
C ILE A 239 12.33 17.53 15.98
N GLY A 240 11.02 17.49 15.68
CA GLY A 240 10.07 18.55 16.02
C GLY A 240 10.20 19.76 15.11
N LYS A 241 11.41 20.02 14.61
CA LYS A 241 11.71 21.18 13.72
C LYS A 241 11.22 20.86 12.30
N VAL A 242 11.33 19.62 11.86
CA VAL A 242 10.89 19.18 10.51
C VAL A 242 9.79 18.13 10.69
N LEU A 243 8.59 18.39 10.18
CA LEU A 243 7.43 17.46 10.31
C LEU A 243 7.74 16.19 9.52
N VAL A 244 7.32 15.03 10.05
CA VAL A 244 7.37 13.73 9.32
C VAL A 244 5.98 13.10 9.40
N VAL A 245 5.33 12.98 8.24
CA VAL A 245 3.98 12.35 8.10
C VAL A 245 4.14 11.07 7.27
N GLY A 246 3.72 9.95 7.85
CA GLY A 246 3.76 8.63 7.21
C GLY A 246 2.40 8.25 6.63
N THR A 247 2.25 6.98 6.28
CA THR A 247 1.00 6.38 5.77
C THR A 247 1.03 4.88 6.06
N ASP A 248 -0.02 4.37 6.70
CA ASP A 248 -0.37 2.93 6.82
C ASP A 248 -0.92 2.71 8.23
N GLY A 249 -0.28 3.32 9.23
CA GLY A 249 -0.66 3.22 10.65
C GLY A 249 -0.12 1.95 11.29
N ILE A 250 1.09 1.54 10.93
CA ILE A 250 1.77 0.35 11.54
C ILE A 250 2.16 0.71 12.98
N PRO A 251 2.20 -0.30 13.89
CA PRO A 251 2.39 -0.04 15.33
C PRO A 251 3.59 0.85 15.66
N GLU A 252 4.76 0.60 15.04
CA GLU A 252 6.03 1.30 15.35
C GLU A 252 5.92 2.79 14.97
N ALA A 253 5.28 3.09 13.84
CA ALA A 253 4.96 4.47 13.40
C ALA A 253 4.02 5.13 14.42
N ARG A 254 2.98 4.42 14.89
CA ARG A 254 2.01 4.92 15.88
C ARG A 254 2.76 5.24 17.19
N LYS A 255 3.70 4.36 17.56
CA LYS A 255 4.59 4.51 18.74
C LYS A 255 5.42 5.79 18.58
N MET A 256 6.06 5.97 17.42
CA MET A 256 6.89 7.16 17.08
C MET A 256 6.04 8.43 17.20
N VAL A 257 4.80 8.40 16.73
CA VAL A 257 3.85 9.55 16.77
C VAL A 257 3.59 9.92 18.24
N GLU A 258 3.33 8.91 19.08
CA GLU A 258 3.05 9.11 20.53
C GLU A 258 4.30 9.71 21.21
N ALA A 259 5.49 9.28 20.78
CA ALA A 259 6.81 9.66 21.35
C ALA A 259 7.30 10.98 20.75
N GLY A 260 6.69 11.44 19.66
CA GLY A 260 7.02 12.71 19.01
C GLY A 260 8.23 12.61 18.10
N GLN A 261 8.56 11.40 17.66
CA GLN A 261 9.61 11.12 16.64
C GLN A 261 9.03 11.23 15.23
N MET A 262 7.74 10.96 15.08
CA MET A 262 6.97 11.25 13.84
C MET A 262 5.83 12.19 14.23
N THR A 263 5.42 13.09 13.33
CA THR A 263 4.34 14.08 13.56
C THR A 263 2.98 13.38 13.52
N ALA A 264 2.79 12.45 12.57
CA ALA A 264 1.47 11.94 12.17
C ALA A 264 1.65 10.79 11.19
N THR A 265 0.60 10.00 10.99
CA THR A 265 0.51 9.02 9.89
C THR A 265 -0.94 8.96 9.41
N VAL A 266 -1.11 8.79 8.11
CA VAL A 266 -2.43 8.55 7.48
C VAL A 266 -2.68 7.04 7.50
N ALA A 267 -3.45 6.60 8.50
CA ALA A 267 -3.67 5.16 8.82
C ALA A 267 -4.51 4.54 7.71
N GLN A 268 -4.05 3.43 7.15
CA GLN A 268 -4.89 2.48 6.39
C GLN A 268 -5.40 1.44 7.38
N ASN A 269 -6.11 0.44 6.87
CA ASN A 269 -6.49 -0.75 7.66
C ASN A 269 -6.23 -2.00 6.84
N PRO A 270 -4.95 -2.45 6.75
CA PRO A 270 -4.58 -3.65 5.98
C PRO A 270 -5.33 -4.91 6.45
N ALA A 271 -5.59 -5.03 7.76
CA ALA A 271 -6.37 -6.15 8.36
C ALA A 271 -7.78 -6.19 7.74
N ASP A 272 -8.41 -5.03 7.57
CA ASP A 272 -9.75 -4.91 6.92
C ASP A 272 -9.63 -5.15 5.41
N ILE A 273 -8.58 -4.63 4.76
CA ILE A 273 -8.38 -4.85 3.31
C ILE A 273 -8.35 -6.38 3.08
N GLY A 274 -7.65 -7.09 3.97
CA GLY A 274 -7.51 -8.57 3.91
C GLY A 274 -8.82 -9.27 4.19
N ALA A 275 -9.46 -8.94 5.31
CA ALA A 275 -10.75 -9.54 5.74
C ALA A 275 -11.77 -9.34 4.61
N THR A 276 -11.92 -8.10 4.13
CA THR A 276 -12.90 -7.74 3.07
C THR A 276 -12.58 -8.54 1.79
N GLY A 277 -11.29 -8.67 1.43
CA GLY A 277 -10.86 -9.42 0.24
C GLY A 277 -11.20 -10.89 0.33
N LEU A 278 -10.96 -11.52 1.48
CA LEU A 278 -11.30 -12.96 1.71
C LEU A 278 -12.82 -13.12 1.59
N LYS A 279 -13.59 -12.25 2.25
CA LYS A 279 -15.07 -12.33 2.28
C LYS A 279 -15.62 -12.27 0.85
N LEU A 280 -15.08 -11.35 0.04
CA LEU A 280 -15.45 -11.15 -1.38
C LEU A 280 -15.18 -12.44 -2.16
N MET A 281 -14.07 -13.12 -1.87
CA MET A 281 -13.63 -14.37 -2.55
C MET A 281 -14.55 -15.53 -2.17
N VAL A 282 -14.89 -15.64 -0.88
CA VAL A 282 -15.79 -16.70 -0.33
C VAL A 282 -17.21 -16.49 -0.87
N ASP A 283 -17.71 -15.25 -0.82
CA ASP A 283 -19.06 -14.88 -1.33
C ASP A 283 -19.17 -15.23 -2.82
N ALA A 284 -18.18 -14.79 -3.61
CA ALA A 284 -18.06 -15.10 -5.06
C ALA A 284 -18.18 -16.61 -5.28
N ALA A 285 -17.43 -17.40 -4.52
CA ALA A 285 -17.34 -18.88 -4.66
C ALA A 285 -18.72 -19.51 -4.44
N LYS A 286 -19.47 -19.01 -3.45
CA LYS A 286 -20.81 -19.54 -3.07
C LYS A 286 -21.75 -19.57 -4.30
N THR A 287 -21.67 -18.57 -5.19
CA THR A 287 -22.53 -18.43 -6.39
C THR A 287 -22.22 -19.56 -7.39
N GLY A 288 -21.01 -20.11 -7.33
CA GLY A 288 -20.54 -21.22 -8.19
C GLY A 288 -20.21 -20.75 -9.61
N LYS A 289 -20.08 -19.44 -9.82
CA LYS A 289 -19.74 -18.82 -11.13
C LYS A 289 -18.66 -17.76 -10.93
N VAL A 290 -17.50 -17.89 -11.60
CA VAL A 290 -16.49 -16.81 -11.70
C VAL A 290 -17.10 -15.66 -12.52
N ILE A 291 -16.71 -14.43 -12.22
CA ILE A 291 -17.14 -13.21 -12.95
C ILE A 291 -16.86 -13.42 -14.43
N PRO A 292 -17.79 -13.01 -15.32
CA PRO A 292 -17.55 -13.05 -16.76
C PRO A 292 -16.45 -12.06 -17.16
N LEU A 293 -15.75 -12.33 -18.27
CA LEU A 293 -14.66 -11.47 -18.80
C LEU A 293 -15.17 -10.06 -19.04
N GLU A 294 -14.28 -9.08 -18.96
CA GLU A 294 -14.46 -7.65 -19.34
C GLU A 294 -15.36 -6.94 -18.30
N LYS A 295 -16.23 -7.69 -17.61
CA LYS A 295 -17.10 -7.13 -16.55
C LYS A 295 -16.24 -6.51 -15.46
N THR A 296 -16.57 -5.28 -15.06
CA THR A 296 -15.82 -4.51 -14.03
C THR A 296 -15.88 -5.29 -12.72
N PRO A 297 -14.73 -5.61 -12.10
CA PRO A 297 -14.74 -6.33 -10.83
C PRO A 297 -15.47 -5.51 -9.75
N GLU A 298 -15.98 -6.17 -8.72
CA GLU A 298 -16.53 -5.54 -7.49
C GLU A 298 -15.44 -4.67 -6.87
N PHE A 299 -15.77 -3.42 -6.55
CA PHE A 299 -14.82 -2.40 -6.04
C PHE A 299 -15.17 -2.06 -4.59
N LYS A 300 -14.26 -2.39 -3.66
CA LYS A 300 -14.44 -2.18 -2.19
C LYS A 300 -13.36 -1.23 -1.69
N LEU A 301 -13.77 -0.09 -1.15
CA LEU A 301 -12.87 0.94 -0.56
C LEU A 301 -12.83 0.74 0.96
N VAL A 302 -11.65 0.80 1.54
CA VAL A 302 -11.44 0.79 3.02
C VAL A 302 -10.99 2.19 3.45
N ASP A 303 -11.64 2.74 4.47
CA ASP A 303 -11.40 4.12 4.98
C ASP A 303 -9.92 4.30 5.31
N SER A 304 -9.46 5.54 5.28
CA SER A 304 -8.22 6.01 5.95
C SER A 304 -8.57 7.05 7.01
N ILE A 305 -7.74 7.17 8.04
CA ILE A 305 -7.84 8.23 9.08
C ILE A 305 -6.45 8.79 9.38
N LEU A 306 -6.38 10.11 9.56
CA LEU A 306 -5.21 10.80 10.17
C LEU A 306 -5.08 10.36 11.62
N VAL A 307 -3.85 10.02 12.02
CA VAL A 307 -3.44 9.87 13.44
C VAL A 307 -2.31 10.85 13.75
N THR A 308 -2.48 11.68 14.78
CA THR A 308 -1.43 12.60 15.31
C THR A 308 -1.17 12.31 16.79
N LYS A 309 -0.17 12.98 17.34
CA LYS A 309 0.21 12.91 18.78
C LYS A 309 -1.02 13.23 19.64
#